data_8WFW
#
_entry.id   8WFW
#
_cell.length_a   65.066
_cell.length_b   71.211
_cell.length_c   99.151
_cell.angle_alpha   90.00
_cell.angle_beta   90.00
_cell.angle_gamma   90.00
#
_symmetry.space_group_name_H-M   'P 21 21 21'
#
loop_
_entity.id
_entity.type
_entity.pdbx_description
1 polymer Beta-glucosidase
2 non-polymer 2-AMINO-2-HYDROXYMETHYL-PROPANE-1,3-DIOL
3 non-polymer 'SODIUM ION'
4 water water
#
_entity_poly.entity_id   1
_entity_poly.type   'polypeptide(L)'
_entity_poly.pdbx_seq_one_letter_code
;MKDFSKDFLFGVATASYQVEGAYNEDGRTMSIWDTFSRQDGKVYKSHNGDVACDHYHLYKDDVKMMKDLGIEAYRFSIAW
PRIFPAKGQYNPKGMDFYKRLTDELLKNDIKPFATIYHWDLPQWADDLGGWLNREIVEWYGEYAEKLFSELGGYIKNWIT
LNEPWCSSFLSYFIGEHAPGHKDLGEALLVSHNLLLSHGKAVEIFRGLNLDDSKIGITLNLNEVFPASDSDDDKVAAQIA
DGFQNRWFLDPLFKGKYPQDMVEYFGKYAKVDFINDEDLKLISQKLDFLGVNYYTRAVVQKGNDGLLDAVQIDPGNERTE
MGWEIYPESLYNILMRLKREYTYDMPLYITENGAAFNDVVEDDGRVHDEKRVEFLKQHFKEAKRFLNDGGNLKGYFVWSL
MDNFEWAHGYSKRFGIVYVDYETEKRILKDSALWYKDLISTRTI
;
_entity_poly.pdbx_strand_id   A
#
loop_
_chem_comp.id
_chem_comp.type
_chem_comp.name
_chem_comp.formula
NA non-polymer 'SODIUM ION' 'Na 1'
TRS non-polymer 2-AMINO-2-HYDROXYMETHYL-PROPANE-1,3-DIOL 'C4 H12 N O3 1'
#
# COMPACT_ATOMS: atom_id res chain seq x y z
N MET A 1 28.04 10.17 14.24
CA MET A 1 27.68 9.67 12.92
C MET A 1 26.25 10.03 12.58
N LYS A 2 25.59 9.17 11.80
CA LYS A 2 24.20 9.37 11.42
C LYS A 2 23.39 8.14 11.83
N ASP A 3 22.22 8.38 12.41
CA ASP A 3 21.30 7.29 12.72
C ASP A 3 20.81 6.61 11.46
N PHE A 4 20.69 7.38 10.39
CA PHE A 4 20.25 6.89 9.10
C PHE A 4 21.31 7.30 8.10
N SER A 5 21.82 6.35 7.35
CA SER A 5 22.95 6.64 6.47
C SER A 5 22.52 7.58 5.35
N LYS A 6 23.51 8.21 4.72
CA LYS A 6 23.21 9.08 3.60
C LYS A 6 22.42 8.36 2.50
N ASP A 7 22.63 7.05 2.34
CA ASP A 7 21.92 6.30 1.29
C ASP A 7 20.53 5.83 1.70
N PHE A 8 20.22 5.84 2.99
CA PHE A 8 18.86 5.52 3.44
C PHE A 8 17.88 6.50 2.82
N LEU A 9 16.73 5.99 2.36
CA LEU A 9 15.77 6.82 1.64
C LEU A 9 14.66 7.25 2.61
N PHE A 10 14.59 8.55 2.91
CA PHE A 10 13.43 9.15 3.57
C PHE A 10 12.41 9.54 2.51
N GLY A 11 11.22 8.92 2.54
CA GLY A 11 10.25 9.10 1.49
C GLY A 11 8.88 9.50 2.02
N VAL A 12 7.97 9.73 1.07
CA VAL A 12 6.55 9.90 1.32
C VAL A 12 5.82 9.14 0.21
N ALA A 13 4.55 8.84 0.46
CA ALA A 13 3.78 7.96 -0.43
C ALA A 13 2.41 8.55 -0.70
N THR A 14 1.91 8.30 -1.93
CA THR A 14 0.52 8.55 -2.34
C THR A 14 0.05 7.39 -3.21
N ALA A 15 -1.18 7.50 -3.72
CA ALA A 15 -1.73 6.55 -4.68
C ALA A 15 -2.61 7.32 -5.67
N SER A 16 -2.69 6.82 -6.90
CA SER A 16 -3.21 7.60 -8.02
C SER A 16 -4.64 8.08 -7.78
N TYR A 17 -5.56 7.16 -7.43
CA TYR A 17 -6.95 7.59 -7.26
C TYR A 17 -7.15 8.45 -6.03
N GLN A 18 -6.26 8.30 -5.04
CA GLN A 18 -6.42 9.06 -3.81
C GLN A 18 -6.03 10.53 -3.97
N VAL A 19 -5.14 10.87 -4.91
CA VAL A 19 -4.69 12.27 -5.01
C VAL A 19 -4.89 12.91 -6.38
N GLU A 20 -5.00 12.17 -7.49
CA GLU A 20 -4.76 12.80 -8.80
C GLU A 20 -5.93 13.70 -9.23
N GLY A 21 -7.16 13.25 -9.05
CA GLY A 21 -8.24 13.94 -9.72
C GLY A 21 -8.14 13.78 -11.22
N ALA A 22 -8.63 14.80 -11.95
CA ALA A 22 -8.64 14.76 -13.41
C ALA A 22 -9.18 13.41 -13.90
N TYR A 23 -10.28 12.98 -13.29
CA TYR A 23 -10.70 11.58 -13.45
C TYR A 23 -11.23 11.30 -14.85
N ASN A 24 -11.60 12.33 -15.59
CA ASN A 24 -12.14 12.14 -16.93
C ASN A 24 -11.35 12.93 -17.96
N GLU A 25 -10.07 13.18 -17.72
CA GLU A 25 -9.27 14.01 -18.61
C GLU A 25 -8.24 13.19 -19.36
N ASP A 26 -7.87 13.67 -20.54
CA ASP A 26 -6.76 13.09 -21.31
C ASP A 26 -6.95 11.59 -21.53
N GLY A 27 -8.20 11.16 -21.68
CA GLY A 27 -8.48 9.81 -22.09
C GLY A 27 -8.74 8.82 -20.98
N ARG A 28 -8.64 9.24 -19.70
CA ARG A 28 -8.86 8.28 -18.61
C ARG A 28 -10.31 7.85 -18.57
N THR A 29 -10.54 6.55 -18.42
CA THR A 29 -11.87 6.00 -18.23
C THR A 29 -12.02 5.53 -16.78
N MET A 30 -13.23 5.11 -16.44
CA MET A 30 -13.54 4.82 -15.04
C MET A 30 -12.79 3.61 -14.51
N SER A 31 -12.41 3.69 -13.24
CA SER A 31 -11.93 2.51 -12.52
C SER A 31 -13.05 1.93 -11.67
N ILE A 32 -12.79 0.75 -11.12
CA ILE A 32 -13.76 0.17 -10.19
C ILE A 32 -14.05 1.09 -9.01
N TRP A 33 -13.10 1.98 -8.67
CA TRP A 33 -13.36 2.85 -7.53
C TRP A 33 -14.21 4.06 -7.90
N ASP A 34 -14.11 4.55 -9.15
CA ASP A 34 -15.06 5.56 -9.62
C ASP A 34 -16.48 5.03 -9.56
N THR A 35 -16.65 3.79 -10.01
CA THR A 35 -17.97 3.14 -10.02
C THR A 35 -18.46 2.87 -8.60
N PHE A 36 -17.59 2.33 -7.75
CA PHE A 36 -17.94 1.98 -6.38
C PHE A 36 -18.34 3.21 -5.57
N SER A 37 -17.59 4.31 -5.73
N SER A 37 -17.60 4.32 -5.72
CA SER A 37 -17.87 5.53 -4.99
CA SER A 37 -17.91 5.50 -4.93
C SER A 37 -19.20 6.14 -5.36
C SER A 37 -19.22 6.14 -5.35
N ARG A 38 -19.77 5.76 -6.51
CA ARG A 38 -21.08 6.25 -6.95
C ARG A 38 -22.22 5.33 -6.54
N GLN A 39 -21.95 4.19 -5.92
CA GLN A 39 -23.01 3.30 -5.46
C GLN A 39 -23.45 3.74 -4.06
N ASP A 40 -24.75 3.94 -3.87
CA ASP A 40 -25.20 4.47 -2.58
C ASP A 40 -24.72 3.62 -1.40
N GLY A 41 -24.26 4.32 -0.38
CA GLY A 41 -23.81 3.72 0.86
C GLY A 41 -22.40 3.16 0.85
N LYS A 42 -21.69 3.17 -0.28
CA LYS A 42 -20.38 2.51 -0.29
C LYS A 42 -19.27 3.41 0.25
N VAL A 43 -19.34 4.72 0.01
CA VAL A 43 -18.29 5.65 0.42
C VAL A 43 -18.93 6.78 1.22
N TYR A 44 -18.30 7.15 2.34
CA TYR A 44 -18.71 8.26 3.19
C TYR A 44 -19.21 9.46 2.39
N LYS A 45 -20.47 9.83 2.63
CA LYS A 45 -21.10 11.01 2.04
C LYS A 45 -20.97 11.05 0.52
N SER A 46 -20.87 9.88 -0.10
CA SER A 46 -20.72 9.76 -1.56
C SER A 46 -19.53 10.56 -2.08
N HIS A 47 -18.51 10.75 -1.24
CA HIS A 47 -17.26 11.28 -1.74
C HIS A 47 -16.68 10.41 -2.87
N ASN A 48 -15.92 11.05 -3.76
CA ASN A 48 -15.21 10.29 -4.79
C ASN A 48 -13.93 11.03 -5.16
N GLY A 49 -13.19 10.43 -6.08
CA GLY A 49 -11.92 10.99 -6.46
C GLY A 49 -11.96 11.73 -7.79
N ASP A 50 -13.12 12.33 -8.13
CA ASP A 50 -13.20 13.14 -9.34
C ASP A 50 -12.10 14.18 -9.37
N VAL A 51 -11.92 14.88 -8.24
CA VAL A 51 -10.99 15.99 -8.11
C VAL A 51 -9.88 15.68 -7.10
N ALA A 52 -10.24 15.12 -5.94
CA ALA A 52 -9.27 14.74 -4.89
C ALA A 52 -8.37 15.94 -4.60
N CYS A 53 -7.05 15.76 -4.63
CA CYS A 53 -6.11 16.84 -4.33
C CYS A 53 -5.71 17.58 -5.58
N ASP A 54 -6.31 17.24 -6.73
CA ASP A 54 -5.96 17.84 -8.01
C ASP A 54 -4.48 17.73 -8.32
N HIS A 55 -3.82 16.66 -7.82
CA HIS A 55 -2.39 16.49 -8.02
C HIS A 55 -2.03 16.34 -9.49
N TYR A 56 -2.95 15.84 -10.32
CA TYR A 56 -2.69 15.76 -11.75
C TYR A 56 -2.32 17.12 -12.33
N HIS A 57 -3.01 18.18 -11.91
CA HIS A 57 -2.67 19.51 -12.44
C HIS A 57 -1.63 20.21 -11.61
N LEU A 58 -1.50 19.86 -10.32
CA LEU A 58 -0.66 20.60 -9.41
C LEU A 58 0.65 19.89 -9.13
N TYR A 59 1.00 18.88 -9.93
CA TYR A 59 2.15 18.04 -9.58
C TYR A 59 3.44 18.84 -9.49
N LYS A 60 3.61 19.90 -10.28
CA LYS A 60 4.87 20.64 -10.20
C LYS A 60 5.02 21.33 -8.86
N ASP A 61 3.92 21.92 -8.34
CA ASP A 61 3.97 22.53 -7.01
C ASP A 61 4.24 21.48 -5.95
N ASP A 62 3.62 20.30 -6.11
CA ASP A 62 3.78 19.24 -5.12
C ASP A 62 5.20 18.70 -5.10
N VAL A 63 5.83 18.56 -6.27
CA VAL A 63 7.23 18.14 -6.30
C VAL A 63 8.13 19.20 -5.69
N LYS A 64 7.88 20.48 -5.99
CA LYS A 64 8.64 21.56 -5.36
C LYS A 64 8.48 21.52 -3.85
N MET A 65 7.26 21.20 -3.38
CA MET A 65 7.02 21.10 -1.94
C MET A 65 7.86 19.96 -1.36
N MET A 66 7.94 18.83 -2.08
CA MET A 66 8.76 17.72 -1.58
C MET A 66 10.24 18.08 -1.59
N LYS A 67 10.69 18.76 -2.65
CA LYS A 67 12.08 19.21 -2.71
C LYS A 67 12.42 20.11 -1.54
N ASP A 68 11.51 21.01 -1.18
CA ASP A 68 11.81 21.94 -0.10
C ASP A 68 11.78 21.24 1.25
N LEU A 69 11.04 20.13 1.37
CA LEU A 69 11.16 19.34 2.59
C LEU A 69 12.41 18.48 2.63
N GLY A 70 13.09 18.31 1.49
CA GLY A 70 14.23 17.41 1.43
C GLY A 70 13.90 15.96 1.14
N ILE A 71 12.66 15.65 0.69
CA ILE A 71 12.27 14.27 0.39
C ILE A 71 13.27 13.63 -0.57
N GLU A 72 13.68 12.39 -0.27
CA GLU A 72 14.66 11.68 -1.09
C GLU A 72 14.03 10.66 -2.03
N ALA A 73 12.82 10.18 -1.73
CA ALA A 73 12.17 9.19 -2.56
C ALA A 73 10.66 9.43 -2.49
N TYR A 74 9.97 9.15 -3.58
CA TYR A 74 8.53 9.39 -3.65
C TYR A 74 7.89 8.14 -4.18
N ARG A 75 6.99 7.56 -3.40
CA ARG A 75 6.23 6.41 -3.85
C ARG A 75 4.86 6.86 -4.31
N PHE A 76 4.51 6.49 -5.53
CA PHE A 76 3.24 6.88 -6.12
C PHE A 76 2.73 5.66 -6.87
N SER A 77 1.47 5.69 -7.30
CA SER A 77 1.00 4.61 -8.16
C SER A 77 0.61 5.14 -9.53
N ILE A 78 0.58 4.21 -10.48
CA ILE A 78 0.28 4.52 -11.87
C ILE A 78 -1.14 4.04 -12.15
N ALA A 79 -1.95 4.89 -12.77
CA ALA A 79 -3.37 4.54 -12.99
C ALA A 79 -3.53 3.74 -14.28
N TRP A 80 -3.77 2.45 -14.14
CA TRP A 80 -4.09 1.59 -15.28
C TRP A 80 -5.15 2.19 -16.21
N PRO A 81 -6.25 2.78 -15.74
CA PRO A 81 -7.23 3.37 -16.67
C PRO A 81 -6.70 4.57 -17.45
N ARG A 82 -5.59 5.19 -17.04
CA ARG A 82 -4.99 6.22 -17.89
C ARG A 82 -4.16 5.61 -19.00
N ILE A 83 -3.55 4.46 -18.75
CA ILE A 83 -2.60 3.84 -19.69
C ILE A 83 -3.33 2.95 -20.70
N PHE A 84 -4.28 2.14 -20.24
CA PHE A 84 -5.11 1.34 -21.13
C PHE A 84 -6.56 1.65 -20.79
N PRO A 85 -7.12 2.74 -21.32
CA PRO A 85 -8.52 3.09 -21.00
C PRO A 85 -9.54 2.16 -21.60
N ALA A 86 -9.13 1.33 -22.56
CA ALA A 86 -9.93 0.24 -23.09
C ALA A 86 -8.99 -0.94 -23.30
N LYS A 87 -9.54 -2.15 -23.31
CA LYS A 87 -8.71 -3.33 -23.48
C LYS A 87 -7.90 -3.23 -24.77
N GLY A 88 -6.58 -3.40 -24.65
CA GLY A 88 -5.66 -3.37 -25.76
C GLY A 88 -5.46 -2.02 -26.42
N GLN A 89 -5.98 -0.94 -25.83
CA GLN A 89 -5.95 0.39 -26.43
C GLN A 89 -5.02 1.26 -25.58
N TYR A 90 -3.76 1.34 -25.99
CA TYR A 90 -2.79 2.18 -25.29
C TYR A 90 -3.09 3.67 -25.49
N ASN A 91 -2.95 4.43 -24.40
CA ASN A 91 -3.21 5.87 -24.41
C ASN A 91 -1.92 6.62 -24.15
N PRO A 92 -1.23 7.10 -25.19
CA PRO A 92 0.02 7.85 -24.96
C PRO A 92 -0.15 9.07 -24.05
N LYS A 93 -1.33 9.69 -24.06
CA LYS A 93 -1.54 10.89 -23.26
C LYS A 93 -1.49 10.55 -21.79
N GLY A 94 -1.91 9.32 -21.45
CA GLY A 94 -1.84 8.86 -20.08
C GLY A 94 -0.41 8.63 -19.66
N MET A 95 0.35 7.95 -20.51
CA MET A 95 1.76 7.73 -20.25
C MET A 95 2.51 9.05 -20.12
N ASP A 96 2.11 10.06 -20.89
CA ASP A 96 2.84 11.33 -20.87
C ASP A 96 2.78 11.97 -19.48
N PHE A 97 1.68 11.78 -18.74
CA PHE A 97 1.62 12.35 -17.40
C PHE A 97 2.70 11.76 -16.50
N TYR A 98 2.85 10.43 -16.54
CA TYR A 98 3.83 9.80 -15.67
C TYR A 98 5.25 10.11 -16.14
N LYS A 99 5.46 10.39 -17.42
CA LYS A 99 6.77 10.88 -17.86
C LYS A 99 7.04 12.27 -17.31
N ARG A 100 6.08 13.19 -17.39
CA ARG A 100 6.38 14.52 -16.88
C ARG A 100 6.46 14.52 -15.35
N LEU A 101 5.68 13.67 -14.67
CA LEU A 101 5.80 13.57 -13.21
C LEU A 101 7.18 13.07 -12.80
N THR A 102 7.62 11.97 -13.40
CA THR A 102 8.89 11.38 -12.99
C THR A 102 10.08 12.21 -13.47
N ASP A 103 9.94 12.89 -14.62
CA ASP A 103 10.97 13.84 -15.02
C ASP A 103 11.13 14.95 -13.97
N GLU A 104 10.01 15.44 -13.44
CA GLU A 104 10.07 16.48 -12.41
C GLU A 104 10.72 15.94 -11.14
N LEU A 105 10.37 14.72 -10.74
CA LEU A 105 11.01 14.11 -9.56
C LEU A 105 12.52 14.02 -9.74
N LEU A 106 12.96 13.42 -10.85
CA LEU A 106 14.38 13.19 -11.05
C LEU A 106 15.14 14.52 -11.10
N LYS A 107 14.56 15.52 -11.76
CA LYS A 107 15.22 16.83 -11.84
C LYS A 107 15.27 17.52 -10.47
N ASN A 108 14.49 17.06 -9.50
CA ASN A 108 14.54 17.62 -8.15
C ASN A 108 15.14 16.62 -7.16
N ASP A 109 15.94 15.68 -7.68
CA ASP A 109 16.74 14.77 -6.85
C ASP A 109 15.88 13.89 -5.95
N ILE A 110 14.71 13.49 -6.46
CA ILE A 110 13.80 12.59 -5.77
C ILE A 110 13.71 11.28 -6.54
N LYS A 111 13.94 10.17 -5.86
CA LYS A 111 13.93 8.86 -6.52
C LYS A 111 12.51 8.32 -6.64
N PRO A 112 12.02 8.02 -7.84
CA PRO A 112 10.65 7.49 -7.98
C PRO A 112 10.56 6.01 -7.61
N PHE A 113 9.52 5.69 -6.82
CA PHE A 113 9.13 4.30 -6.56
C PHE A 113 7.70 4.16 -7.06
N ALA A 114 7.48 3.34 -8.08
CA ALA A 114 6.20 3.32 -8.77
C ALA A 114 5.47 2.04 -8.43
N THR A 115 4.27 2.16 -7.87
CA THR A 115 3.36 1.04 -7.66
C THR A 115 2.53 0.85 -8.92
N ILE A 116 2.60 -0.35 -9.52
CA ILE A 116 1.91 -0.63 -10.79
C ILE A 116 0.40 -0.73 -10.58
N TYR A 117 -0.03 -1.41 -9.51
CA TYR A 117 -1.45 -1.54 -9.21
C TYR A 117 -1.74 -1.15 -7.77
N HIS A 118 -2.46 -0.05 -7.58
CA HIS A 118 -2.96 0.40 -6.28
C HIS A 118 -4.47 0.60 -6.33
N TRP A 119 -5.17 -0.42 -6.81
CA TRP A 119 -6.60 -0.71 -6.61
C TRP A 119 -7.50 -0.10 -7.68
N ASP A 120 -6.97 0.74 -8.57
CA ASP A 120 -7.82 1.39 -9.56
C ASP A 120 -7.89 0.56 -10.85
N LEU A 121 -8.46 -0.64 -10.71
CA LEU A 121 -8.62 -1.50 -11.87
C LEU A 121 -9.56 -0.83 -12.87
N PRO A 122 -9.24 -0.89 -14.17
CA PRO A 122 -10.17 -0.31 -15.16
C PRO A 122 -11.53 -0.99 -15.09
N GLN A 123 -12.59 -0.20 -15.23
CA GLN A 123 -13.92 -0.78 -15.24
C GLN A 123 -14.07 -1.81 -16.36
N TRP A 124 -13.41 -1.59 -17.51
CA TRP A 124 -13.55 -2.57 -18.60
C TRP A 124 -13.04 -3.94 -18.18
N ALA A 125 -12.00 -3.98 -17.34
CA ALA A 125 -11.47 -5.25 -16.87
C ALA A 125 -12.43 -5.92 -15.90
N ASP A 126 -13.03 -5.14 -14.99
CA ASP A 126 -13.99 -5.73 -14.06
C ASP A 126 -15.22 -6.25 -14.81
N ASP A 127 -15.62 -5.55 -15.87
CA ASP A 127 -16.76 -5.99 -16.65
C ASP A 127 -16.48 -7.32 -17.35
N LEU A 128 -15.21 -7.67 -17.52
CA LEU A 128 -14.84 -8.97 -18.06
C LEU A 128 -14.60 -10.00 -16.99
N GLY A 129 -14.89 -9.67 -15.72
CA GLY A 129 -14.69 -10.57 -14.61
C GLY A 129 -13.63 -10.10 -13.64
N GLY A 130 -12.78 -9.17 -14.05
CA GLY A 130 -11.88 -8.61 -13.05
C GLY A 130 -10.90 -9.63 -12.51
N TRP A 131 -10.51 -9.44 -11.24
CA TRP A 131 -9.55 -10.36 -10.62
C TRP A 131 -10.09 -11.78 -10.47
N LEU A 132 -11.38 -12.01 -10.71
CA LEU A 132 -11.88 -13.38 -10.71
C LEU A 132 -11.59 -14.12 -12.00
N ASN A 133 -11.21 -13.40 -13.05
CA ASN A 133 -10.98 -13.99 -14.38
C ASN A 133 -9.48 -14.16 -14.57
N ARG A 134 -9.02 -15.41 -14.65
CA ARG A 134 -7.59 -15.70 -14.74
C ARG A 134 -6.93 -15.02 -15.94
N GLU A 135 -7.71 -14.64 -16.95
CA GLU A 135 -7.15 -13.90 -18.08
C GLU A 135 -6.55 -12.57 -17.64
N ILE A 136 -6.93 -12.07 -16.46
CA ILE A 136 -6.36 -10.81 -15.98
C ILE A 136 -4.85 -10.89 -15.85
N VAL A 137 -4.31 -12.09 -15.65
CA VAL A 137 -2.86 -12.23 -15.56
C VAL A 137 -2.21 -11.70 -16.83
N GLU A 138 -2.80 -12.00 -17.99
CA GLU A 138 -2.26 -11.50 -19.26
C GLU A 138 -2.50 -10.00 -19.44
N TRP A 139 -3.69 -9.52 -19.06
CA TRP A 139 -3.96 -8.08 -19.17
C TRP A 139 -3.01 -7.30 -18.28
N TYR A 140 -2.82 -7.77 -17.06
CA TYR A 140 -1.90 -7.08 -16.14
C TYR A 140 -0.47 -7.19 -16.67
N GLY A 141 -0.07 -8.33 -17.21
CA GLY A 141 1.26 -8.44 -17.78
C GLY A 141 1.49 -7.47 -18.93
N GLU A 142 0.50 -7.34 -19.84
CA GLU A 142 0.63 -6.39 -20.93
C GLU A 142 0.80 -4.96 -20.41
N TYR A 143 0.02 -4.60 -19.38
CA TYR A 143 0.11 -3.28 -18.77
C TYR A 143 1.49 -3.06 -18.15
N ALA A 144 1.95 -4.00 -17.32
CA ALA A 144 3.26 -3.86 -16.68
C ALA A 144 4.37 -3.80 -17.73
N GLU A 145 4.30 -4.64 -18.77
CA GLU A 145 5.34 -4.63 -19.81
C GLU A 145 5.42 -3.26 -20.50
N LYS A 146 4.27 -2.64 -20.72
CA LYS A 146 4.26 -1.32 -21.34
C LYS A 146 4.90 -0.29 -20.42
N LEU A 147 4.62 -0.37 -19.12
CA LEU A 147 5.25 0.56 -18.19
C LEU A 147 6.76 0.38 -18.17
N PHE A 148 7.23 -0.87 -18.06
CA PHE A 148 8.67 -1.11 -18.03
C PHE A 148 9.33 -0.57 -19.29
N SER A 149 8.71 -0.77 -20.46
N SER A 149 8.70 -0.78 -20.45
CA SER A 149 9.34 -0.36 -21.71
CA SER A 149 9.29 -0.37 -21.71
C SER A 149 9.33 1.15 -21.89
C SER A 149 9.35 1.15 -21.81
N GLU A 150 8.25 1.83 -21.51
CA GLU A 150 8.15 3.27 -21.72
C GLU A 150 8.83 4.08 -20.62
N LEU A 151 8.82 3.59 -19.39
CA LEU A 151 9.31 4.34 -18.25
C LEU A 151 10.60 3.79 -17.65
N GLY A 152 11.16 2.73 -18.21
CA GLY A 152 12.36 2.13 -17.63
C GLY A 152 13.51 3.11 -17.50
N GLY A 153 13.55 4.13 -18.37
CA GLY A 153 14.61 5.12 -18.19
C GLY A 153 14.35 6.15 -17.12
N TYR A 154 13.13 6.19 -16.59
CA TYR A 154 12.71 7.16 -15.57
C TYR A 154 12.63 6.53 -14.18
N ILE A 155 12.19 5.27 -14.10
CA ILE A 155 11.86 4.59 -12.85
C ILE A 155 12.71 3.35 -12.73
N LYS A 156 13.43 3.21 -11.61
CA LYS A 156 14.31 2.07 -11.38
C LYS A 156 13.86 1.24 -10.19
N ASN A 157 12.71 1.56 -9.59
CA ASN A 157 12.24 0.83 -8.42
C ASN A 157 10.74 0.63 -8.60
N TRP A 158 10.32 -0.64 -8.74
CA TRP A 158 8.97 -1.01 -9.15
C TRP A 158 8.30 -1.88 -8.09
N ILE A 159 7.03 -1.60 -7.82
CA ILE A 159 6.21 -2.38 -6.89
C ILE A 159 5.02 -2.91 -7.66
N THR A 160 4.85 -4.22 -7.68
CA THR A 160 3.82 -4.78 -8.56
C THR A 160 2.42 -4.44 -8.04
N LEU A 161 2.15 -4.75 -6.77
CA LEU A 161 0.84 -4.61 -6.15
C LEU A 161 1.00 -3.93 -4.81
N ASN A 162 0.00 -3.13 -4.46
CA ASN A 162 -0.11 -2.61 -3.11
C ASN A 162 -1.18 -3.41 -2.36
N GLU A 163 -0.80 -4.03 -1.22
CA GLU A 163 -1.74 -4.61 -0.24
C GLU A 163 -2.74 -5.56 -0.90
N PRO A 164 -2.29 -6.68 -1.46
CA PRO A 164 -3.25 -7.62 -2.08
C PRO A 164 -4.26 -8.16 -1.08
N TRP A 165 -3.98 -8.13 0.22
CA TRP A 165 -4.99 -8.51 1.21
C TRP A 165 -6.23 -7.62 1.08
N CYS A 166 -6.02 -6.32 0.82
CA CYS A 166 -7.17 -5.42 0.64
C CYS A 166 -7.90 -5.69 -0.67
N SER A 167 -7.16 -5.87 -1.77
CA SER A 167 -7.80 -6.12 -3.06
C SER A 167 -8.54 -7.45 -3.10
N SER A 168 -8.18 -8.40 -2.23
CA SER A 168 -8.87 -9.69 -2.20
C SER A 168 -9.86 -9.70 -1.04
N PHE A 169 -9.39 -9.88 0.19
CA PHE A 169 -10.34 -10.11 1.29
C PHE A 169 -11.20 -8.87 1.59
N LEU A 170 -10.61 -7.68 1.64
CA LEU A 170 -11.44 -6.51 1.99
C LEU A 170 -12.41 -6.14 0.85
N SER A 171 -12.08 -6.50 -0.39
CA SER A 171 -12.89 -6.13 -1.54
C SER A 171 -13.89 -7.19 -1.95
N TYR A 172 -13.63 -8.47 -1.66
CA TYR A 172 -14.46 -9.57 -2.13
C TYR A 172 -15.05 -10.42 -1.03
N PHE A 173 -14.59 -10.30 0.21
CA PHE A 173 -15.15 -11.05 1.33
C PHE A 173 -15.84 -10.11 2.32
N ILE A 174 -15.10 -9.13 2.85
CA ILE A 174 -15.70 -8.15 3.75
C ILE A 174 -16.56 -7.17 2.97
N GLY A 175 -16.14 -6.82 1.75
CA GLY A 175 -16.97 -5.99 0.91
C GLY A 175 -16.87 -4.50 1.15
N GLU A 176 -15.87 -4.05 1.93
N GLU A 176 -15.88 -4.05 1.93
CA GLU A 176 -15.72 -2.62 2.19
CA GLU A 176 -15.72 -2.63 2.20
C GLU A 176 -15.12 -1.87 1.02
C GLU A 176 -15.08 -1.87 1.05
N HIS A 177 -14.32 -2.56 0.19
CA HIS A 177 -13.58 -1.93 -0.91
C HIS A 177 -14.09 -2.46 -2.26
N ALA A 178 -13.75 -1.72 -3.31
CA ALA A 178 -14.27 -2.06 -4.64
C ALA A 178 -13.69 -3.38 -5.11
N PRO A 179 -14.49 -4.25 -5.76
CA PRO A 179 -15.87 -4.04 -6.24
C PRO A 179 -16.93 -4.34 -5.19
N GLY A 180 -16.56 -4.71 -3.96
CA GLY A 180 -17.54 -4.84 -2.91
C GLY A 180 -18.30 -6.15 -2.86
N HIS A 181 -17.69 -7.27 -3.25
CA HIS A 181 -18.39 -8.54 -3.11
C HIS A 181 -18.26 -9.07 -1.68
N LYS A 182 -19.07 -10.10 -1.36
CA LYS A 182 -19.07 -10.70 -0.02
C LYS A 182 -19.15 -12.22 -0.16
N ASP A 183 -18.01 -12.84 -0.53
CA ASP A 183 -18.00 -14.28 -0.80
C ASP A 183 -16.56 -14.76 -0.57
N LEU A 184 -16.37 -15.59 0.45
CA LEU A 184 -15.02 -16.04 0.80
C LEU A 184 -14.32 -16.74 -0.37
N GLY A 185 -15.00 -17.64 -1.08
CA GLY A 185 -14.36 -18.34 -2.19
C GLY A 185 -13.86 -17.39 -3.26
N GLU A 186 -14.64 -16.34 -3.56
CA GLU A 186 -14.17 -15.33 -4.52
C GLU A 186 -12.91 -14.63 -4.01
N ALA A 187 -12.91 -14.20 -2.75
CA ALA A 187 -11.73 -13.54 -2.21
C ALA A 187 -10.49 -14.43 -2.28
N LEU A 188 -10.64 -15.74 -1.99
CA LEU A 188 -9.48 -16.62 -2.06
C LEU A 188 -8.95 -16.75 -3.48
N LEU A 189 -9.85 -16.93 -4.46
CA LEU A 189 -9.41 -17.02 -5.85
C LEU A 189 -8.78 -15.72 -6.32
N VAL A 190 -9.37 -14.59 -5.92
CA VAL A 190 -8.79 -13.29 -6.27
C VAL A 190 -7.39 -13.15 -5.71
N SER A 191 -7.20 -13.58 -4.46
CA SER A 191 -5.87 -13.49 -3.86
C SER A 191 -4.85 -14.27 -4.68
N HIS A 192 -5.28 -15.41 -5.22
CA HIS A 192 -4.39 -16.22 -6.06
C HIS A 192 -4.11 -15.55 -7.40
N ASN A 193 -5.14 -14.98 -8.04
CA ASN A 193 -4.90 -14.35 -9.34
C ASN A 193 -4.08 -13.07 -9.19
N LEU A 194 -4.24 -12.36 -8.07
CA LEU A 194 -3.37 -11.22 -7.78
C LEU A 194 -1.92 -11.66 -7.70
N LEU A 195 -1.66 -12.72 -6.93
CA LEU A 195 -0.27 -13.19 -6.77
C LEU A 195 0.28 -13.72 -8.08
N LEU A 196 -0.56 -14.37 -8.88
CA LEU A 196 -0.10 -14.86 -10.17
C LEU A 196 0.21 -13.71 -11.12
N SER A 197 -0.57 -12.63 -11.03
CA SER A 197 -0.30 -11.47 -11.86
C SER A 197 1.00 -10.81 -11.45
N HIS A 198 1.23 -10.67 -10.15
CA HIS A 198 2.53 -10.26 -9.65
C HIS A 198 3.64 -11.12 -10.26
N GLY A 199 3.44 -12.44 -10.24
CA GLY A 199 4.48 -13.32 -10.79
C GLY A 199 4.72 -13.08 -12.27
N LYS A 200 3.67 -12.83 -13.04
CA LYS A 200 3.84 -12.54 -14.46
C LYS A 200 4.66 -11.27 -14.66
N ALA A 201 4.41 -10.23 -13.87
CA ALA A 201 5.17 -9.00 -14.03
C ALA A 201 6.64 -9.22 -13.68
N VAL A 202 6.91 -10.03 -12.64
CA VAL A 202 8.29 -10.32 -12.27
C VAL A 202 8.99 -11.09 -13.40
N GLU A 203 8.29 -12.06 -14.00
CA GLU A 203 8.85 -12.82 -15.12
C GLU A 203 9.20 -11.89 -16.28
N ILE A 204 8.27 -11.00 -16.65
CA ILE A 204 8.52 -10.04 -17.72
C ILE A 204 9.71 -9.16 -17.37
N PHE A 205 9.73 -8.64 -16.14
CA PHE A 205 10.79 -7.75 -15.69
C PHE A 205 12.16 -8.41 -15.81
N ARG A 206 12.29 -9.66 -15.34
CA ARG A 206 13.59 -10.31 -15.39
C ARG A 206 14.03 -10.53 -16.83
N GLY A 207 13.07 -10.77 -17.75
CA GLY A 207 13.43 -10.97 -19.15
C GLY A 207 13.91 -9.70 -19.83
N LEU A 208 13.52 -8.54 -19.31
CA LEU A 208 13.94 -7.27 -19.90
C LEU A 208 15.34 -6.89 -19.48
N ASN A 209 15.79 -7.37 -18.32
CA ASN A 209 17.15 -7.14 -17.84
C ASN A 209 17.49 -5.65 -17.80
N LEU A 210 16.63 -4.88 -17.15
CA LEU A 210 16.84 -3.44 -17.11
C LEU A 210 17.97 -3.11 -16.15
N ASP A 211 18.83 -2.18 -16.58
CA ASP A 211 20.03 -1.85 -15.82
C ASP A 211 19.67 -1.17 -14.51
N ASP A 212 20.22 -1.67 -13.41
CA ASP A 212 20.12 -1.03 -12.11
C ASP A 212 18.68 -0.86 -11.67
N SER A 213 17.81 -1.81 -12.01
CA SER A 213 16.39 -1.68 -11.72
C SER A 213 15.94 -2.81 -10.82
N LYS A 214 15.06 -2.51 -9.87
CA LYS A 214 14.64 -3.44 -8.83
C LYS A 214 13.13 -3.59 -8.83
N ILE A 215 12.65 -4.79 -8.45
CA ILE A 215 11.21 -5.03 -8.37
C ILE A 215 10.86 -5.69 -7.03
N GLY A 216 9.71 -5.31 -6.48
CA GLY A 216 9.20 -5.96 -5.28
C GLY A 216 7.69 -5.87 -5.20
N ILE A 217 7.14 -6.13 -4.03
CA ILE A 217 5.70 -6.09 -3.79
C ILE A 217 5.50 -5.43 -2.42
N THR A 218 4.31 -4.87 -2.20
CA THR A 218 3.97 -4.23 -0.92
C THR A 218 2.84 -4.98 -0.23
N LEU A 219 3.07 -5.37 1.04
CA LEU A 219 2.09 -6.07 1.84
C LEU A 219 1.74 -5.27 3.08
N ASN A 220 0.45 -5.19 3.43
CA ASN A 220 0.10 -4.66 4.75
C ASN A 220 0.19 -5.81 5.76
N LEU A 221 1.03 -5.61 6.78
CA LEU A 221 1.30 -6.62 7.78
C LEU A 221 0.98 -6.08 9.16
N ASN A 222 0.51 -6.96 10.03
CA ASN A 222 0.34 -6.55 11.41
C ASN A 222 1.01 -7.57 12.31
N GLU A 223 0.83 -7.41 13.61
CA GLU A 223 1.23 -8.40 14.58
C GLU A 223 -0.01 -8.73 15.41
N VAL A 224 -0.26 -10.01 15.62
CA VAL A 224 -1.46 -10.48 16.32
C VAL A 224 -1.03 -11.02 17.68
N PHE A 225 -1.67 -10.52 18.74
CA PHE A 225 -1.44 -10.98 20.10
C PHE A 225 -2.69 -11.71 20.59
N PRO A 226 -2.54 -12.87 21.22
CA PRO A 226 -3.70 -13.46 21.91
C PRO A 226 -4.05 -12.67 23.16
N ALA A 227 -5.35 -12.52 23.42
CA ALA A 227 -5.79 -11.74 24.58
C ALA A 227 -5.37 -12.41 25.89
N SER A 228 -5.22 -13.74 25.91
CA SER A 228 -4.77 -14.45 27.10
C SER A 228 -3.90 -15.62 26.65
N ASP A 229 -3.34 -16.35 27.64
CA ASP A 229 -2.50 -17.50 27.32
C ASP A 229 -3.30 -18.78 27.08
N SER A 230 -4.61 -18.71 26.93
CA SER A 230 -5.41 -19.91 26.75
C SER A 230 -5.13 -20.56 25.39
N ASP A 231 -5.43 -21.85 25.29
CA ASP A 231 -5.33 -22.49 23.98
C ASP A 231 -6.34 -21.90 23.01
N ASP A 232 -7.53 -21.53 23.50
CA ASP A 232 -8.55 -20.95 22.63
C ASP A 232 -8.04 -19.68 21.95
N ASP A 233 -7.43 -18.79 22.72
CA ASP A 233 -6.95 -17.53 22.15
C ASP A 233 -5.71 -17.74 21.32
N LYS A 234 -4.93 -18.78 21.62
CA LYS A 234 -3.76 -19.09 20.80
C LYS A 234 -4.16 -19.49 19.39
N VAL A 235 -5.19 -20.33 19.27
CA VAL A 235 -5.69 -20.70 17.96
C VAL A 235 -6.32 -19.49 17.26
N ALA A 236 -7.04 -18.66 18.01
CA ALA A 236 -7.64 -17.47 17.42
C ALA A 236 -6.57 -16.56 16.82
N ALA A 237 -5.45 -16.39 17.53
CA ALA A 237 -4.38 -15.52 17.04
C ALA A 237 -3.68 -16.13 15.84
N GLN A 238 -3.52 -17.46 15.84
CA GLN A 238 -2.92 -18.15 14.71
C GLN A 238 -3.76 -17.96 13.45
N ILE A 239 -5.08 -18.09 13.57
CA ILE A 239 -5.95 -17.88 12.41
C ILE A 239 -5.90 -16.42 11.93
N ALA A 240 -5.96 -15.49 12.87
CA ALA A 240 -5.90 -14.08 12.51
C ALA A 240 -4.57 -13.72 11.85
N ASP A 241 -3.48 -14.33 12.34
CA ASP A 241 -2.16 -14.11 11.73
C ASP A 241 -2.07 -14.75 10.35
N GLY A 242 -2.68 -15.91 10.18
CA GLY A 242 -2.67 -16.54 8.86
C GLY A 242 -3.50 -15.76 7.87
N PHE A 243 -4.63 -15.20 8.33
CA PHE A 243 -5.54 -14.42 7.48
C PHE A 243 -4.86 -13.16 6.96
N GLN A 244 -4.20 -12.41 7.84
CA GLN A 244 -3.62 -11.13 7.44
C GLN A 244 -2.24 -11.26 6.82
N ASN A 245 -1.38 -12.07 7.42
CA ASN A 245 0.05 -12.04 7.11
C ASN A 245 0.51 -13.27 6.33
N ARG A 246 0.32 -14.47 6.90
CA ARG A 246 0.94 -15.63 6.28
C ARG A 246 0.28 -16.04 4.97
N TRP A 247 -1.00 -15.71 4.78
CA TRP A 247 -1.64 -16.10 3.52
C TRP A 247 -0.90 -15.52 2.33
N PHE A 248 -0.22 -14.38 2.51
CA PHE A 248 0.58 -13.76 1.44
C PHE A 248 2.08 -13.99 1.60
N LEU A 249 2.61 -13.95 2.83
CA LEU A 249 4.05 -14.20 3.01
C LEU A 249 4.43 -15.61 2.58
N ASP A 250 3.60 -16.60 2.89
CA ASP A 250 4.02 -17.97 2.62
C ASP A 250 4.08 -18.29 1.13
N PRO A 251 3.06 -18.01 0.31
CA PRO A 251 3.25 -18.30 -1.13
C PRO A 251 4.38 -17.48 -1.76
N LEU A 252 4.55 -16.24 -1.33
CA LEU A 252 5.57 -15.42 -1.96
C LEU A 252 6.97 -15.89 -1.60
N PHE A 253 7.21 -16.24 -0.33
CA PHE A 253 8.57 -16.46 0.13
C PHE A 253 8.86 -17.91 0.47
N LYS A 254 7.86 -18.76 0.57
CA LYS A 254 8.07 -20.19 0.73
C LYS A 254 7.54 -21.01 -0.45
N GLY A 255 6.86 -20.39 -1.40
CA GLY A 255 6.33 -21.16 -2.52
C GLY A 255 5.20 -22.10 -2.17
N LYS A 256 4.49 -21.86 -1.06
CA LYS A 256 3.41 -22.74 -0.61
C LYS A 256 2.47 -21.91 0.26
N TYR A 257 1.17 -22.02 0.03
CA TYR A 257 0.20 -21.40 0.95
C TYR A 257 0.32 -22.04 2.34
N PRO A 258 0.02 -21.30 3.41
CA PRO A 258 0.14 -21.87 4.77
C PRO A 258 -0.87 -22.99 4.98
N GLN A 259 -0.39 -24.19 5.32
CA GLN A 259 -1.27 -25.34 5.24
C GLN A 259 -2.41 -25.27 6.25
N ASP A 260 -2.18 -24.68 7.43
CA ASP A 260 -3.26 -24.56 8.40
C ASP A 260 -4.39 -23.68 7.87
N MET A 261 -4.07 -22.63 7.11
CA MET A 261 -5.13 -21.80 6.50
C MET A 261 -5.80 -22.49 5.32
N VAL A 262 -5.05 -23.26 4.52
CA VAL A 262 -5.69 -24.01 3.45
C VAL A 262 -6.75 -24.93 4.03
N GLU A 263 -6.43 -25.62 5.13
CA GLU A 263 -7.37 -26.54 5.74
C GLU A 263 -8.51 -25.78 6.40
N TYR A 264 -8.21 -24.66 7.06
CA TYR A 264 -9.23 -23.85 7.70
C TYR A 264 -10.21 -23.27 6.67
N PHE A 265 -9.69 -22.57 5.65
CA PHE A 265 -10.57 -22.03 4.62
C PHE A 265 -11.30 -23.13 3.87
N GLY A 266 -10.68 -24.29 3.71
CA GLY A 266 -11.29 -25.39 2.96
C GLY A 266 -12.55 -25.93 3.61
N LYS A 267 -12.75 -25.67 4.90
CA LYS A 267 -14.01 -26.03 5.56
C LYS A 267 -15.16 -25.15 5.11
N TYR A 268 -14.87 -23.98 4.55
CA TYR A 268 -15.90 -23.01 4.20
C TYR A 268 -16.00 -22.70 2.72
N ALA A 269 -14.97 -22.99 1.92
CA ALA A 269 -14.93 -22.58 0.51
C ALA A 269 -13.94 -23.46 -0.24
N LYS A 270 -14.01 -23.38 -1.57
CA LYS A 270 -13.07 -24.09 -2.44
C LYS A 270 -11.67 -23.50 -2.34
N VAL A 271 -10.68 -24.38 -2.29
CA VAL A 271 -9.29 -23.94 -2.36
C VAL A 271 -8.56 -24.66 -3.48
N ASP A 272 -9.29 -24.99 -4.55
CA ASP A 272 -8.75 -25.83 -5.62
C ASP A 272 -7.94 -25.05 -6.66
N PHE A 273 -7.73 -23.75 -6.48
CA PHE A 273 -6.89 -22.98 -7.38
C PHE A 273 -5.40 -23.25 -7.15
N ILE A 274 -5.04 -23.97 -6.08
CA ILE A 274 -3.63 -24.17 -5.74
C ILE A 274 -3.01 -25.25 -6.62
N ASN A 275 -1.85 -24.93 -7.23
CA ASN A 275 -1.11 -25.90 -8.01
C ASN A 275 0.36 -25.50 -8.05
N ASP A 276 1.22 -26.48 -8.37
CA ASP A 276 2.67 -26.29 -8.28
C ASP A 276 3.15 -25.25 -9.28
N GLU A 277 2.65 -25.30 -10.50
CA GLU A 277 3.12 -24.40 -11.54
C GLU A 277 2.87 -22.94 -11.14
N ASP A 278 1.66 -22.65 -10.63
CA ASP A 278 1.36 -21.27 -10.24
C ASP A 278 2.21 -20.84 -9.05
N LEU A 279 2.42 -21.73 -8.08
CA LEU A 279 3.20 -21.31 -6.93
C LEU A 279 4.67 -21.06 -7.30
N LYS A 280 5.18 -21.74 -8.33
CA LYS A 280 6.52 -21.43 -8.81
C LYS A 280 6.59 -20.01 -9.37
N LEU A 281 5.60 -19.63 -10.17
CA LEU A 281 5.57 -18.26 -10.70
C LEU A 281 5.39 -17.24 -9.59
N ILE A 282 4.50 -17.54 -8.63
CA ILE A 282 4.22 -16.61 -7.53
C ILE A 282 5.47 -16.32 -6.72
N SER A 283 6.35 -17.32 -6.53
CA SER A 283 7.46 -17.22 -5.58
C SER A 283 8.80 -16.87 -6.23
N GLN A 284 8.78 -16.28 -7.43
CA GLN A 284 10.03 -15.85 -8.05
C GLN A 284 10.74 -14.85 -7.17
N LYS A 285 12.08 -14.89 -7.20
CA LYS A 285 12.88 -14.05 -6.32
C LYS A 285 12.63 -12.57 -6.58
N LEU A 286 12.47 -11.81 -5.50
CA LEU A 286 12.28 -10.36 -5.56
C LEU A 286 13.54 -9.65 -5.10
N ASP A 287 13.64 -8.37 -5.47
CA ASP A 287 14.75 -7.52 -5.02
C ASP A 287 14.51 -6.90 -3.66
N PHE A 288 13.26 -6.68 -3.28
CA PHE A 288 12.93 -6.14 -1.99
C PHE A 288 11.49 -6.48 -1.65
N LEU A 289 11.15 -6.31 -0.36
CA LEU A 289 9.79 -6.38 0.13
C LEU A 289 9.42 -5.03 0.74
N GLY A 290 8.27 -4.49 0.35
CA GLY A 290 7.73 -3.30 0.95
C GLY A 290 6.73 -3.66 2.04
N VAL A 291 6.90 -3.05 3.20
CA VAL A 291 6.05 -3.32 4.35
C VAL A 291 5.19 -2.10 4.62
N ASN A 292 3.89 -2.29 4.65
CA ASN A 292 2.95 -1.26 5.12
C ASN A 292 2.55 -1.64 6.54
N TYR A 293 2.93 -0.83 7.52
CA TYR A 293 2.65 -1.13 8.92
C TYR A 293 1.89 0.02 9.57
N TYR A 294 0.83 -0.31 10.31
CA TYR A 294 0.08 0.68 11.07
C TYR A 294 -0.22 0.29 12.51
N THR A 295 -0.55 -0.97 12.78
CA THR A 295 -1.07 -1.30 14.10
C THR A 295 -0.99 -2.81 14.34
N ARG A 296 -1.27 -3.19 15.57
CA ARG A 296 -1.40 -4.59 15.98
C ARG A 296 -2.87 -4.95 16.20
N ALA A 297 -3.14 -6.23 16.48
CA ALA A 297 -4.45 -6.72 16.86
C ALA A 297 -4.29 -7.61 18.09
N VAL A 298 -5.19 -7.43 19.05
CA VAL A 298 -5.30 -8.30 20.21
C VAL A 298 -6.64 -9.01 20.08
N VAL A 299 -6.62 -10.35 20.02
CA VAL A 299 -7.81 -11.10 19.65
C VAL A 299 -8.09 -12.21 20.67
N GLN A 300 -9.37 -12.48 20.87
CA GLN A 300 -9.76 -13.63 21.68
C GLN A 300 -10.74 -14.46 20.87
N LYS A 301 -10.83 -15.74 21.22
CA LYS A 301 -11.71 -16.64 20.48
C LYS A 301 -13.13 -16.10 20.46
N GLY A 302 -13.82 -16.25 19.34
CA GLY A 302 -15.21 -15.87 19.22
C GLY A 302 -16.16 -17.04 19.32
N ASN A 303 -17.09 -17.15 18.37
CA ASN A 303 -18.20 -18.09 18.43
C ASN A 303 -17.94 -19.38 17.67
N ASP A 304 -16.68 -19.66 17.32
CA ASP A 304 -16.31 -20.77 16.44
C ASP A 304 -16.86 -20.60 15.02
N GLY A 305 -17.22 -19.37 14.63
CA GLY A 305 -17.66 -19.08 13.29
C GLY A 305 -16.48 -18.75 12.37
N LEU A 306 -16.82 -18.36 11.15
CA LEU A 306 -15.79 -18.04 10.17
C LEU A 306 -15.13 -16.71 10.54
N LEU A 307 -13.81 -16.76 10.75
CA LEU A 307 -12.97 -15.57 11.02
C LEU A 307 -13.67 -14.59 11.96
N ASP A 308 -14.07 -15.09 13.13
CA ASP A 308 -14.92 -14.32 14.03
C ASP A 308 -14.23 -13.93 15.34
N ALA A 309 -12.92 -13.70 15.30
CA ALA A 309 -12.20 -13.34 16.50
C ALA A 309 -12.75 -12.03 17.07
N VAL A 310 -12.92 -11.98 18.39
CA VAL A 310 -13.32 -10.73 19.05
C VAL A 310 -12.11 -9.79 19.14
N GLN A 311 -12.31 -8.53 18.72
CA GLN A 311 -11.24 -7.53 18.78
C GLN A 311 -11.19 -6.92 20.17
N ILE A 312 -10.09 -7.13 20.87
CA ILE A 312 -9.93 -6.62 22.22
C ILE A 312 -9.32 -5.22 22.17
N ASP A 313 -9.89 -4.31 22.97
CA ASP A 313 -9.34 -2.98 23.17
C ASP A 313 -8.41 -3.00 24.38
N PRO A 314 -7.09 -2.95 24.20
CA PRO A 314 -6.19 -3.03 25.36
C PRO A 314 -6.12 -1.74 26.16
N GLY A 315 -6.91 -0.73 25.81
CA GLY A 315 -6.98 0.49 26.58
C GLY A 315 -5.89 1.51 26.32
N ASN A 316 -5.18 1.42 25.20
CA ASN A 316 -4.11 2.35 24.93
C ASN A 316 -4.53 3.38 23.89
N GLU A 317 -3.64 4.35 23.63
CA GLU A 317 -4.02 5.42 22.72
C GLU A 317 -4.21 4.89 21.30
N ARG A 318 -5.13 5.53 20.58
CA ARG A 318 -5.51 5.13 19.24
C ARG A 318 -5.58 6.35 18.33
N THR A 319 -5.54 6.08 17.02
CA THR A 319 -5.73 7.13 16.04
C THR A 319 -7.23 7.33 15.78
N GLU A 320 -7.54 8.24 14.83
CA GLU A 320 -8.95 8.43 14.46
C GLU A 320 -9.52 7.27 13.64
N MET A 321 -8.69 6.35 13.16
CA MET A 321 -9.18 5.08 12.62
C MET A 321 -9.59 4.09 13.69
N GLY A 322 -9.30 4.37 14.95
CA GLY A 322 -9.45 3.39 15.99
C GLY A 322 -8.29 2.42 16.07
N TRP A 323 -7.17 2.75 15.41
CA TRP A 323 -6.02 1.85 15.40
C TRP A 323 -5.12 2.16 16.57
N GLU A 324 -4.76 1.13 17.33
CA GLU A 324 -3.85 1.34 18.44
C GLU A 324 -2.50 1.85 17.95
N ILE A 325 -1.94 2.81 18.68
CA ILE A 325 -0.59 3.28 18.43
C ILE A 325 0.35 2.36 19.18
N TYR A 326 1.02 1.45 18.46
CA TYR A 326 1.84 0.41 19.08
C TYR A 326 3.11 0.27 18.28
N PRO A 327 4.08 1.17 18.49
CA PRO A 327 5.25 1.23 17.59
C PRO A 327 6.14 0.01 17.68
N GLU A 328 6.12 -0.72 18.80
CA GLU A 328 7.01 -1.89 18.91
C GLU A 328 6.70 -2.93 17.85
N SER A 329 5.45 -3.02 17.38
CA SER A 329 5.20 -4.03 16.34
C SER A 329 5.89 -3.71 15.02
N LEU A 330 6.27 -2.47 14.77
N LEU A 330 6.25 -2.45 14.76
CA LEU A 330 7.07 -2.21 13.56
CA LEU A 330 7.07 -2.18 13.58
C LEU A 330 8.39 -2.97 13.65
C LEU A 330 8.37 -2.96 13.66
N TYR A 331 9.07 -2.86 14.79
CA TYR A 331 10.32 -3.59 14.98
C TYR A 331 10.07 -5.09 14.95
N ASN A 332 9.03 -5.56 15.64
CA ASN A 332 8.75 -7.00 15.69
C ASN A 332 8.47 -7.58 14.31
N ILE A 333 7.69 -6.87 13.49
CA ILE A 333 7.41 -7.41 12.16
C ILE A 333 8.66 -7.41 11.29
N LEU A 334 9.44 -6.33 11.33
CA LEU A 334 10.67 -6.34 10.54
C LEU A 334 11.59 -7.46 10.98
N MET A 335 11.72 -7.66 12.29
N MET A 335 11.70 -7.68 12.29
CA MET A 335 12.56 -8.77 12.77
CA MET A 335 12.55 -8.75 12.76
C MET A 335 11.97 -10.11 12.38
C MET A 335 11.97 -10.12 12.40
N ARG A 336 10.64 -10.26 12.46
CA ARG A 336 10.03 -11.51 12.04
C ARG A 336 10.36 -11.83 10.60
N LEU A 337 10.30 -10.83 9.72
CA LEU A 337 10.66 -11.05 8.32
C LEU A 337 12.11 -11.48 8.19
N LYS A 338 13.01 -10.78 8.89
CA LYS A 338 14.42 -11.16 8.84
C LYS A 338 14.64 -12.58 9.34
N ARG A 339 13.88 -13.03 10.33
CA ARG A 339 14.15 -14.36 10.87
C ARG A 339 13.36 -15.49 10.23
N GLU A 340 12.27 -15.18 9.51
CA GLU A 340 11.35 -16.24 9.05
C GLU A 340 11.05 -16.21 7.55
N TYR A 341 11.26 -15.09 6.84
CA TYR A 341 10.76 -15.00 5.45
C TYR A 341 11.76 -14.38 4.49
N THR A 342 12.28 -13.19 4.81
CA THR A 342 13.10 -12.44 3.85
C THR A 342 14.60 -12.48 4.17
N TYR A 343 14.98 -12.82 5.40
CA TYR A 343 16.39 -13.05 5.78
C TYR A 343 17.18 -11.79 5.47
N ASP A 344 18.16 -11.81 4.56
CA ASP A 344 19.00 -10.64 4.33
C ASP A 344 18.51 -9.76 3.18
N MET A 345 17.32 -10.04 2.65
CA MET A 345 16.80 -9.24 1.54
C MET A 345 16.46 -7.82 2.01
N PRO A 346 16.73 -6.81 1.17
CA PRO A 346 16.34 -5.43 1.51
C PRO A 346 14.85 -5.29 1.79
N LEU A 347 14.54 -4.53 2.83
CA LEU A 347 13.19 -4.17 3.22
C LEU A 347 13.02 -2.67 3.10
N TYR A 348 11.82 -2.25 2.70
CA TYR A 348 11.41 -0.86 2.81
C TYR A 348 10.13 -0.80 3.60
N ILE A 349 9.98 0.21 4.45
CA ILE A 349 8.65 0.53 4.96
C ILE A 349 7.99 1.40 3.89
N THR A 350 7.02 0.83 3.17
CA THR A 350 6.44 1.57 2.05
C THR A 350 5.20 2.37 2.47
N GLU A 351 4.70 2.17 3.70
CA GLU A 351 3.68 3.04 4.30
C GLU A 351 3.77 2.94 5.81
N ASN A 352 3.75 4.08 6.50
CA ASN A 352 3.42 4.12 7.92
C ASN A 352 2.98 5.54 8.20
N GLY A 353 1.96 5.70 9.01
CA GLY A 353 1.44 7.03 9.28
C GLY A 353 0.16 6.92 10.07
N ALA A 354 -0.54 8.06 10.22
CA ALA A 354 -1.67 8.06 11.14
C ALA A 354 -2.67 9.15 10.78
N ALA A 355 -3.94 8.86 11.05
CA ALA A 355 -5.02 9.83 10.88
C ALA A 355 -5.36 10.44 12.23
N PHE A 356 -5.32 11.76 12.30
CA PHE A 356 -5.73 12.50 13.49
C PHE A 356 -6.69 13.60 13.06
N ASN A 357 -7.34 14.23 14.03
CA ASN A 357 -8.32 15.29 13.82
C ASN A 357 -7.58 16.61 13.58
N ASP A 358 -7.16 16.86 12.34
CA ASP A 358 -6.34 18.03 12.08
C ASP A 358 -7.21 19.26 11.84
N VAL A 359 -6.78 20.38 12.41
CA VAL A 359 -7.49 21.64 12.25
C VAL A 359 -6.45 22.72 11.94
N VAL A 360 -6.78 23.60 11.00
CA VAL A 360 -5.97 24.78 10.76
C VAL A 360 -6.36 25.83 11.78
N GLU A 361 -5.42 26.23 12.62
CA GLU A 361 -5.75 27.17 13.69
C GLU A 361 -5.67 28.59 13.16
N ASP A 362 -6.02 29.54 14.02
CA ASP A 362 -6.10 30.94 13.61
C ASP A 362 -4.75 31.47 13.14
N ASP A 363 -3.64 30.87 13.60
CA ASP A 363 -2.30 31.26 13.15
C ASP A 363 -1.94 30.66 11.80
N GLY A 364 -2.89 29.98 11.14
CA GLY A 364 -2.64 29.39 9.84
C GLY A 364 -1.87 28.08 9.87
N ARG A 365 -1.56 27.54 11.04
CA ARG A 365 -0.73 26.35 11.15
C ARG A 365 -1.60 25.15 11.52
N VAL A 366 -1.04 23.95 11.33
CA VAL A 366 -1.69 22.73 11.79
C VAL A 366 -0.75 22.11 12.82
N HIS A 367 -1.10 22.25 14.10
CA HIS A 367 -0.23 21.78 15.19
C HIS A 367 -0.58 20.33 15.54
N ASP A 368 -0.19 19.42 14.63
CA ASP A 368 -0.54 18.00 14.75
C ASP A 368 0.51 17.24 15.59
N GLU A 369 0.58 17.64 16.86
CA GLU A 369 1.63 17.09 17.72
C GLU A 369 1.47 15.58 17.93
N LYS A 370 0.23 15.05 17.86
CA LYS A 370 0.06 13.61 17.98
C LYS A 370 0.69 12.88 16.81
N ARG A 371 0.68 13.49 15.63
CA ARG A 371 1.31 12.83 14.47
C ARG A 371 2.82 12.98 14.53
N VAL A 372 3.32 14.13 15.03
CA VAL A 372 4.75 14.25 15.28
C VAL A 372 5.22 13.12 16.19
N GLU A 373 4.55 12.94 17.32
CA GLU A 373 4.97 11.90 18.27
C GLU A 373 4.81 10.50 17.67
N PHE A 374 3.72 10.26 16.93
CA PHE A 374 3.54 8.97 16.25
C PHE A 374 4.72 8.65 15.34
N LEU A 375 5.08 9.59 14.45
CA LEU A 375 6.18 9.34 13.53
C LEU A 375 7.50 9.22 14.27
N LYS A 376 7.71 10.03 15.31
CA LYS A 376 8.92 9.92 16.11
C LYS A 376 9.06 8.52 16.71
N GLN A 377 7.99 8.00 17.31
CA GLN A 377 8.07 6.69 17.93
C GLN A 377 8.37 5.60 16.90
N HIS A 378 7.81 5.72 15.70
CA HIS A 378 8.00 4.64 14.74
C HIS A 378 9.35 4.72 14.05
N PHE A 379 9.86 5.94 13.79
CA PHE A 379 11.20 6.04 13.25
C PHE A 379 12.24 5.59 14.28
N LYS A 380 11.96 5.76 15.58
CA LYS A 380 12.87 5.20 16.57
C LYS A 380 12.94 3.69 16.52
N GLU A 381 11.82 3.02 16.20
CA GLU A 381 11.87 1.56 16.03
C GLU A 381 12.59 1.17 14.76
N ALA A 382 12.42 1.95 13.69
CA ALA A 382 13.20 1.70 12.48
C ALA A 382 14.69 1.80 12.77
N LYS A 383 15.10 2.83 13.53
CA LYS A 383 16.50 2.98 13.88
C LYS A 383 16.98 1.78 14.69
N ARG A 384 16.14 1.30 15.62
CA ARG A 384 16.52 0.16 16.44
C ARG A 384 16.70 -1.10 15.60
N PHE A 385 15.80 -1.32 14.63
CA PHE A 385 15.96 -2.45 13.71
C PHE A 385 17.29 -2.37 12.95
N LEU A 386 17.63 -1.17 12.44
CA LEU A 386 18.90 -0.97 11.74
C LEU A 386 20.06 -1.29 12.66
N ASN A 387 20.02 -0.77 13.89
CA ASN A 387 21.15 -0.96 14.78
C ASN A 387 21.28 -2.41 15.22
N ASP A 388 20.21 -3.20 15.09
CA ASP A 388 20.24 -4.62 15.38
C ASP A 388 20.50 -5.45 14.13
N GLY A 389 21.01 -4.83 13.06
CA GLY A 389 21.45 -5.56 11.89
C GLY A 389 20.40 -5.79 10.83
N GLY A 390 19.26 -5.09 10.90
CA GLY A 390 18.23 -5.26 9.89
C GLY A 390 18.53 -4.51 8.60
N ASN A 391 18.10 -5.08 7.48
CA ASN A 391 18.46 -4.53 6.18
C ASN A 391 17.33 -3.60 5.69
N LEU A 392 17.13 -2.49 6.41
CA LEU A 392 16.10 -1.52 6.06
C LEU A 392 16.70 -0.43 5.18
N LYS A 393 16.17 -0.27 3.97
CA LYS A 393 16.75 0.64 2.99
C LYS A 393 16.01 1.98 2.88
N GLY A 394 14.82 2.10 3.45
CA GLY A 394 14.09 3.35 3.34
C GLY A 394 12.75 3.23 4.04
N TYR A 395 12.06 4.38 4.12
CA TYR A 395 10.87 4.52 4.96
C TYR A 395 10.01 5.60 4.31
N PHE A 396 8.82 5.22 3.81
CA PHE A 396 7.91 6.15 3.15
C PHE A 396 6.77 6.45 4.10
N VAL A 397 6.61 7.72 4.48
CA VAL A 397 5.48 8.13 5.32
C VAL A 397 4.21 8.13 4.48
N TRP A 398 3.15 7.49 5.00
CA TRP A 398 1.82 7.67 4.45
C TRP A 398 1.16 8.79 5.23
N SER A 399 0.83 9.91 4.59
CA SER A 399 0.96 10.24 3.18
C SER A 399 1.61 11.60 3.05
N LEU A 400 2.10 11.91 1.85
CA LEU A 400 2.53 13.28 1.58
C LEU A 400 1.45 14.28 1.99
N MET A 401 0.19 14.01 1.63
CA MET A 401 -0.87 14.99 1.81
C MET A 401 -2.17 14.27 2.13
N ASP A 402 -3.06 14.98 2.83
CA ASP A 402 -4.43 14.48 3.03
C ASP A 402 -5.05 14.11 1.69
N ASN A 403 -5.89 13.06 1.68
CA ASN A 403 -6.39 12.60 0.39
C ASN A 403 -7.65 11.77 0.58
N PHE A 404 -8.11 11.14 -0.51
CA PHE A 404 -9.30 10.31 -0.50
C PHE A 404 -8.98 8.97 0.15
N GLU A 405 -9.49 8.77 1.36
CA GLU A 405 -9.20 7.55 2.13
C GLU A 405 -10.29 6.50 1.90
N TRP A 406 -10.44 6.11 0.64
CA TRP A 406 -11.24 4.94 0.25
C TRP A 406 -12.66 5.04 0.83
N ALA A 407 -13.15 4.02 1.54
CA ALA A 407 -14.55 4.07 1.95
C ALA A 407 -14.83 5.17 2.95
N HIS A 408 -13.79 5.77 3.54
CA HIS A 408 -13.95 6.89 4.46
C HIS A 408 -14.00 8.23 3.75
N GLY A 409 -13.82 8.25 2.43
CA GLY A 409 -13.83 9.53 1.74
C GLY A 409 -12.72 10.43 2.26
N TYR A 410 -12.99 11.73 2.29
CA TYR A 410 -12.02 12.70 2.77
C TYR A 410 -12.07 12.90 4.28
N SER A 411 -12.84 12.07 5.00
CA SER A 411 -13.03 12.28 6.43
C SER A 411 -11.85 11.85 7.30
N LYS A 412 -10.86 11.14 6.75
CA LYS A 412 -9.68 10.74 7.51
C LYS A 412 -8.46 11.38 6.85
N ARG A 413 -7.71 12.15 7.63
CA ARG A 413 -6.58 12.92 7.12
C ARG A 413 -5.27 12.28 7.58
N PHE A 414 -4.51 11.75 6.61
CA PHE A 414 -3.25 11.08 6.88
C PHE A 414 -2.03 11.89 6.49
N GLY A 415 -2.20 13.08 5.91
CA GLY A 415 -1.05 13.79 5.38
C GLY A 415 -0.09 14.31 6.44
N ILE A 416 1.19 14.49 6.04
CA ILE A 416 2.02 15.47 6.73
C ILE A 416 1.82 16.88 6.18
N VAL A 417 1.09 17.01 5.08
CA VAL A 417 0.64 18.29 4.52
C VAL A 417 -0.89 18.30 4.52
N TYR A 418 -1.47 19.40 5.02
CA TYR A 418 -2.93 19.55 5.07
C TYR A 418 -3.41 20.08 3.72
N VAL A 419 -4.54 19.55 3.25
CA VAL A 419 -5.14 20.04 2.00
C VAL A 419 -6.48 20.67 2.33
N ASP A 420 -6.64 21.94 1.99
CA ASP A 420 -7.94 22.59 2.08
C ASP A 420 -8.63 22.34 0.75
N TYR A 421 -9.62 21.45 0.74
CA TYR A 421 -10.10 20.95 -0.55
C TYR A 421 -10.86 22.02 -1.33
N GLU A 422 -11.44 23.00 -0.65
CA GLU A 422 -12.18 24.05 -1.36
C GLU A 422 -11.26 24.86 -2.29
N THR A 423 -10.04 25.14 -1.84
CA THR A 423 -9.08 25.91 -2.60
C THR A 423 -7.93 25.07 -3.14
N GLU A 424 -7.82 23.82 -2.72
CA GLU A 424 -6.66 22.95 -2.98
C GLU A 424 -5.35 23.52 -2.43
N LYS A 425 -5.42 24.43 -1.44
CA LYS A 425 -4.21 24.92 -0.80
C LYS A 425 -3.53 23.83 0.02
N ARG A 426 -2.20 23.78 -0.05
CA ARG A 426 -1.37 22.90 0.77
C ARG A 426 -0.82 23.68 1.95
N ILE A 427 -0.95 23.13 3.15
CA ILE A 427 -0.40 23.76 4.35
C ILE A 427 0.50 22.75 5.03
N LEU A 428 1.78 23.08 5.20
CA LEU A 428 2.64 22.12 5.90
C LEU A 428 2.17 21.96 7.34
N LYS A 429 1.94 20.70 7.75
CA LYS A 429 1.66 20.45 9.16
C LYS A 429 2.95 20.43 9.97
N ASP A 430 2.83 20.53 11.29
CA ASP A 430 4.03 20.44 12.13
C ASP A 430 4.77 19.12 11.92
N SER A 431 4.05 18.05 11.55
CA SER A 431 4.73 16.80 11.25
C SER A 431 5.65 16.91 10.04
N ALA A 432 5.26 17.67 9.01
CA ALA A 432 6.16 17.87 7.88
C ALA A 432 7.41 18.63 8.30
N LEU A 433 7.27 19.63 9.17
CA LEU A 433 8.43 20.38 9.63
C LEU A 433 9.35 19.51 10.46
N TRP A 434 8.77 18.62 11.28
CA TRP A 434 9.56 17.64 12.02
C TRP A 434 10.29 16.70 11.06
N TYR A 435 9.60 16.22 10.04
CA TYR A 435 10.22 15.31 9.08
C TYR A 435 11.35 15.99 8.31
N LYS A 436 11.13 17.22 7.87
CA LYS A 436 12.21 18.01 7.24
C LYS A 436 13.47 18.04 8.11
N ASP A 437 13.30 18.26 9.40
CA ASP A 437 14.47 18.27 10.30
C ASP A 437 15.11 16.90 10.41
N LEU A 438 14.29 15.83 10.45
CA LEU A 438 14.84 14.48 10.53
C LEU A 438 15.68 14.17 9.31
N ILE A 439 15.19 14.55 8.12
CA ILE A 439 15.95 14.28 6.91
C ILE A 439 17.25 15.07 6.89
N SER A 440 17.20 16.33 7.32
CA SER A 440 18.39 17.19 7.28
C SER A 440 19.45 16.75 8.30
N THR A 441 19.03 16.41 9.52
CA THR A 441 19.96 16.04 10.59
C THR A 441 20.26 14.55 10.62
N ARG A 442 19.37 13.73 10.05
CA ARG A 442 19.44 12.27 10.11
C ARG A 442 19.61 11.75 11.54
N THR A 443 19.06 12.49 12.50
CA THR A 443 19.20 12.24 13.93
C THR A 443 17.82 12.15 14.57
N ILE A 444 17.63 11.14 15.42
CA ILE A 444 16.40 10.99 16.17
C ILE A 444 16.72 10.43 17.54
C TRS B . -4.16 2.37 3.52
C1 TRS B . -3.73 1.70 4.82
C2 TRS B . -5.54 1.89 3.11
C3 TRS B . -4.15 3.90 3.63
N TRS B . -3.19 1.96 2.48
O1 TRS B . -3.56 0.31 4.64
O2 TRS B . -6.47 2.18 4.14
O3 TRS B . -4.81 4.54 2.53
NA NA C . -8.47 10.83 -8.26
NA NA D . -19.79 9.60 -5.57
NA NA E . 11.72 -13.14 -3.03
#